data_3T7U
#
_entry.id   3T7U
#
_cell.length_a   72.496
_cell.length_b   72.496
_cell.length_c   129.981
_cell.angle_alpha   90.000
_cell.angle_beta   90.000
_cell.angle_gamma   120.000
#
_symmetry.space_group_name_H-M   'P 31'
#
loop_
_entity.id
_entity.type
_entity.pdbx_description
1 polymer 'Adenomatous polyposis coli protein'
2 non-polymer 'PHOSPHATE ION'
3 water water
#
_entity_poly.entity_id   1
_entity_poly.type   'polypeptide(L)'
_entity_poly.pdbx_seq_one_letter_code
;MGHHHHHHMLHLLEQIRAYCETCWEWQEAHEPGMDQDKNPMPAPVEHQICPAVCVLMKLSFDEEHRHAMNELGGLQAIAE
LLQVDCEMYGLTNDHYSITLRRYAGMALTNLTFGDVANKATLCSMKGCMRALVAQLKSESEDLQQVIASVLRNLSWRADV
NSKKTLREVGSVKALMECALEVKKESTLKSVLSALWNLSAHCTENKADICAVDGALAFLVGTLTYRSQTNTLAIIESGGG
ILRNVSSLIATNEDHRQILRENNCLQTLLQHLKSHSLTIVSNACGTLWNLSARNPKDQEALWDMGAVSMLKNLIHSKHKM
IAMGSAAALRNLMANRPAKYKDANIMSPGSSLPSLHVRKQKALEAELDAQHLSETFDN
;
_entity_poly.pdbx_strand_id   A,B
#
loop_
_chem_comp.id
_chem_comp.type
_chem_comp.name
_chem_comp.formula
PO4 non-polymer 'PHOSPHATE ION' 'O4 P -3'
#
# COMPACT_ATOMS: atom_id res chain seq x y z
N HIS A 8 36.94 3.74 -2.20
CA HIS A 8 36.94 5.18 -2.60
C HIS A 8 35.86 5.96 -1.86
N MET A 9 34.69 5.34 -1.70
CA MET A 9 33.60 5.89 -0.90
C MET A 9 34.06 6.19 0.53
N LEU A 10 34.83 5.26 1.09
CA LEU A 10 35.44 5.39 2.41
C LEU A 10 36.38 6.59 2.48
N HIS A 11 37.15 6.78 1.41
CA HIS A 11 38.18 7.81 1.33
C HIS A 11 37.61 9.23 1.44
N LEU A 12 36.47 9.47 0.78
CA LEU A 12 35.85 10.79 0.74
C LEU A 12 35.19 11.17 2.08
N LEU A 13 34.54 10.21 2.71
CA LEU A 13 33.84 10.42 3.97
C LEU A 13 34.78 10.79 5.12
N GLU A 14 36.03 10.34 5.02
CA GLU A 14 37.06 10.70 5.99
C GLU A 14 37.51 12.15 5.81
N GLN A 15 37.58 12.58 4.54
CA GLN A 15 37.95 13.96 4.18
C GLN A 15 36.90 14.95 4.70
N ILE A 16 35.65 14.52 4.65
CA ILE A 16 34.53 15.28 5.23
C ILE A 16 34.72 15.43 6.73
N ARG A 17 35.03 14.32 7.41
CA ARG A 17 35.31 14.34 8.84
C ARG A 17 36.52 15.21 9.15
N ALA A 18 37.62 14.97 8.43
CA ALA A 18 38.88 15.69 8.64
C ALA A 18 38.68 17.21 8.62
N TYR A 19 37.96 17.70 7.62
CA TYR A 19 37.66 19.12 7.48
C TYR A 19 36.75 19.60 8.61
N CYS A 20 35.75 18.78 8.94
CA CYS A 20 34.84 19.06 10.06
C CYS A 20 35.62 19.19 11.36
N GLU A 21 36.52 18.24 11.61
CA GLU A 21 37.43 18.27 12.76
C GLU A 21 38.17 19.60 12.85
N THR A 22 38.71 20.06 11.72
CA THR A 22 39.45 21.32 11.63
C THR A 22 38.56 22.52 11.97
N CYS A 23 37.31 22.48 11.49
CA CYS A 23 36.31 23.50 11.82
C CYS A 23 35.93 23.39 13.30
N TRP A 24 35.85 22.15 13.78
CA TRP A 24 35.55 21.88 15.19
C TRP A 24 36.71 22.29 16.10
N GLU A 25 37.93 22.29 15.56
CA GLU A 25 39.13 22.71 16.28
C GLU A 25 39.22 24.24 16.40
N TRP A 26 38.40 24.94 15.63
CA TRP A 26 38.30 26.40 15.70
C TRP A 26 37.19 26.84 16.65
N GLN A 27 36.11 26.05 16.70
CA GLN A 27 34.97 26.32 17.59
C GLN A 27 35.35 26.07 19.05
N MET A 41 39.52 31.23 11.18
CA MET A 41 38.58 30.20 10.73
C MET A 41 38.97 29.61 9.36
N PRO A 42 38.61 28.33 9.13
CA PRO A 42 38.83 27.72 7.82
C PRO A 42 37.67 27.95 6.83
N ALA A 43 38.02 28.12 5.57
CA ALA A 43 37.05 28.26 4.48
C ALA A 43 36.94 26.94 3.72
N PRO A 44 35.73 26.60 3.23
CA PRO A 44 35.50 25.29 2.61
C PRO A 44 36.27 25.05 1.31
N VAL A 45 36.68 26.12 0.63
CA VAL A 45 37.40 26.03 -0.65
C VAL A 45 38.80 25.41 -0.52
N GLU A 46 39.33 25.39 0.71
CA GLU A 46 40.71 25.00 0.97
C GLU A 46 40.94 23.48 1.02
N HIS A 47 39.88 22.70 1.22
CA HIS A 47 40.01 21.25 1.38
C HIS A 47 39.03 20.44 0.49
N GLN A 48 38.87 20.88 -0.75
CA GLN A 48 38.05 20.17 -1.77
C GLN A 48 36.70 19.67 -1.27
N ILE A 49 36.02 20.52 -0.49
CA ILE A 49 34.81 20.13 0.24
C ILE A 49 33.59 19.88 -0.65
N CYS A 50 33.40 20.74 -1.66
CA CYS A 50 32.26 20.60 -2.57
C CYS A 50 32.46 19.46 -3.57
N PRO A 51 33.66 19.34 -4.19
CA PRO A 51 33.90 18.18 -5.04
C PRO A 51 33.82 16.86 -4.26
N ALA A 52 34.20 16.89 -2.98
CA ALA A 52 34.11 15.72 -2.10
C ALA A 52 32.66 15.28 -1.92
N VAL A 53 31.79 16.23 -1.57
CA VAL A 53 30.37 15.94 -1.35
C VAL A 53 29.58 15.74 -2.66
N CYS A 54 30.09 16.30 -3.76
CA CYS A 54 29.43 16.18 -5.07
C CYS A 54 29.46 14.75 -5.59
N VAL A 55 30.62 14.12 -5.51
CA VAL A 55 30.78 12.71 -5.86
C VAL A 55 29.86 11.84 -5.00
N LEU A 56 29.88 12.08 -3.68
CA LEU A 56 29.02 11.39 -2.72
C LEU A 56 27.55 11.63 -3.01
N MET A 57 27.21 12.86 -3.40
CA MET A 57 25.86 13.22 -3.81
C MET A 57 25.47 12.48 -5.09
N LYS A 58 26.39 12.45 -6.06
CA LYS A 58 26.19 11.75 -7.32
C LYS A 58 26.02 10.24 -7.11
N LEU A 59 26.84 9.67 -6.24
CA LEU A 59 26.82 8.23 -5.96
C LEU A 59 25.65 7.81 -5.07
N SER A 60 25.00 8.77 -4.42
CA SER A 60 23.86 8.47 -3.54
C SER A 60 22.58 8.09 -4.31
N PHE A 61 22.63 8.23 -5.63
CA PHE A 61 21.48 7.92 -6.49
C PHE A 61 21.33 6.42 -6.80
N ASP A 62 22.40 5.66 -6.60
CA ASP A 62 22.36 4.21 -6.80
C ASP A 62 22.09 3.46 -5.49
N GLU A 63 21.27 2.42 -5.59
CA GLU A 63 20.82 1.64 -4.43
C GLU A 63 21.95 0.88 -3.72
N GLU A 64 22.87 0.32 -4.52
CA GLU A 64 23.97 -0.49 -4.00
C GLU A 64 25.00 0.34 -3.23
N HIS A 65 25.27 1.55 -3.73
CA HIS A 65 26.16 2.50 -3.06
C HIS A 65 25.56 3.05 -1.76
N ARG A 66 24.22 3.03 -1.67
CA ARG A 66 23.53 3.54 -0.47
C ARG A 66 23.68 2.64 0.74
N HIS A 67 23.74 1.33 0.53
CA HIS A 67 23.91 0.36 1.61
C HIS A 67 25.30 0.44 2.24
N ALA A 68 26.28 0.86 1.43
CA ALA A 68 27.65 1.10 1.89
C ALA A 68 27.78 2.46 2.55
N MET A 69 26.99 3.42 2.06
CA MET A 69 27.00 4.79 2.59
C MET A 69 26.43 4.84 4.00
N ASN A 70 25.36 4.08 4.23
CA ASN A 70 24.76 3.94 5.55
C ASN A 70 25.70 3.28 6.55
N GLU A 71 26.41 2.25 6.10
CA GLU A 71 27.24 1.43 7.00
C GLU A 71 28.63 1.99 7.30
N LEU A 72 29.05 3.00 6.55
CA LEU A 72 30.25 3.77 6.89
C LEU A 72 29.92 5.06 7.66
N GLY A 73 28.62 5.27 7.89
CA GLY A 73 28.15 6.44 8.62
C GLY A 73 28.18 7.71 7.78
N GLY A 74 28.00 7.54 6.47
CA GLY A 74 27.99 8.66 5.53
C GLY A 74 26.88 9.67 5.79
N LEU A 75 25.71 9.15 6.16
CA LEU A 75 24.57 9.98 6.56
C LEU A 75 24.91 10.90 7.74
N GLN A 76 25.70 10.38 8.67
CA GLN A 76 26.12 11.11 9.87
C GLN A 76 27.17 12.16 9.53
N ALA A 77 28.08 11.81 8.61
CA ALA A 77 29.16 12.70 8.21
C ALA A 77 28.66 13.87 7.35
N ILE A 78 27.75 13.58 6.43
CA ILE A 78 27.18 14.59 5.52
C ILE A 78 26.30 15.60 6.28
N ALA A 79 25.49 15.09 7.20
CA ALA A 79 24.62 15.93 8.03
C ALA A 79 25.42 16.92 8.89
N GLU A 80 26.46 16.43 9.56
CA GLU A 80 27.30 17.27 10.42
C GLU A 80 28.06 18.37 9.65
N LEU A 81 28.44 18.09 8.41
CA LEU A 81 29.09 19.08 7.54
C LEU A 81 28.11 20.18 7.13
N LEU A 82 26.88 19.78 6.81
CA LEU A 82 25.80 20.72 6.58
C LEU A 82 25.65 21.60 7.83
N GLN A 83 25.55 20.93 8.98
CA GLN A 83 25.36 21.59 10.27
C GLN A 83 26.50 22.55 10.65
N VAL A 84 27.75 22.12 10.43
CA VAL A 84 28.91 22.96 10.78
C VAL A 84 28.94 24.23 9.94
N ASP A 85 28.77 24.08 8.63
CA ASP A 85 28.78 25.21 7.69
C ASP A 85 27.75 26.27 8.09
N CYS A 86 26.55 25.83 8.46
CA CYS A 86 25.49 26.71 8.93
C CYS A 86 25.86 27.44 10.21
N GLU A 87 26.38 26.69 11.18
CA GLU A 87 26.81 27.26 12.47
C GLU A 87 27.94 28.28 12.31
N MET A 88 28.80 28.07 11.30
CA MET A 88 29.92 28.96 11.03
C MET A 88 29.46 30.27 10.39
N TYR A 89 28.88 30.17 9.20
CA TYR A 89 28.62 31.33 8.34
C TYR A 89 27.17 31.83 8.38
N GLY A 90 26.21 30.91 8.33
CA GLY A 90 24.79 31.26 8.41
C GLY A 90 24.24 31.87 7.14
N HIS A 95 29.30 31.43 -2.80
CA HIS A 95 28.78 30.39 -3.68
C HIS A 95 29.14 28.99 -3.18
N TYR A 96 30.41 28.81 -2.84
CA TYR A 96 30.92 27.52 -2.37
C TYR A 96 30.16 27.02 -1.13
N SER A 97 29.92 27.92 -0.18
CA SER A 97 29.19 27.60 1.05
C SER A 97 27.78 27.10 0.75
N ILE A 98 27.14 27.72 -0.24
CA ILE A 98 25.78 27.41 -0.63
C ILE A 98 25.72 26.08 -1.38
N THR A 99 26.71 25.84 -2.23
CA THR A 99 26.71 24.66 -3.12
C THR A 99 27.04 23.36 -2.37
N LEU A 100 27.79 23.45 -1.28
CA LEU A 100 28.04 22.28 -0.45
C LEU A 100 26.75 21.84 0.24
N ARG A 101 25.99 22.82 0.72
CA ARG A 101 24.68 22.58 1.34
C ARG A 101 23.69 21.99 0.35
N ARG A 102 23.83 22.40 -0.92
CA ARG A 102 23.02 21.86 -2.01
C ARG A 102 23.21 20.35 -2.13
N TYR A 103 24.41 19.95 -2.55
CA TYR A 103 24.77 18.55 -2.72
C TYR A 103 24.59 17.72 -1.46
N ALA A 104 24.99 18.27 -0.31
CA ALA A 104 24.80 17.61 0.98
C ALA A 104 23.31 17.28 1.21
N GLY A 105 22.44 18.27 1.00
CA GLY A 105 21.00 18.08 1.08
C GLY A 105 20.45 17.17 -0.02
N MET A 106 21.06 17.23 -1.20
CA MET A 106 20.70 16.34 -2.31
C MET A 106 21.03 14.89 -1.95
N ALA A 107 22.19 14.68 -1.34
CA ALA A 107 22.61 13.36 -0.88
C ALA A 107 21.70 12.87 0.25
N LEU A 108 21.42 13.75 1.21
CA LEU A 108 20.50 13.44 2.32
C LEU A 108 19.12 13.06 1.81
N THR A 109 18.68 13.71 0.73
CA THR A 109 17.42 13.39 0.05
C THR A 109 17.40 11.93 -0.41
N ASN A 110 18.44 11.55 -1.16
CA ASN A 110 18.60 10.18 -1.64
C ASN A 110 18.75 9.18 -0.51
N LEU A 111 19.31 9.62 0.60
CA LEU A 111 19.61 8.76 1.75
C LEU A 111 18.44 8.58 2.72
N THR A 112 17.39 9.39 2.58
CA THR A 112 16.20 9.25 3.43
C THR A 112 15.02 8.60 2.70
N PHE A 113 15.03 8.67 1.37
CA PHE A 113 13.99 8.04 0.54
C PHE A 113 13.83 6.56 0.83
N GLY A 114 12.71 6.23 1.48
CA GLY A 114 12.37 4.84 1.79
C GLY A 114 13.25 4.11 2.80
N ASP A 115 14.15 4.85 3.45
CA ASP A 115 14.98 4.27 4.50
C ASP A 115 14.47 4.76 5.85
N VAL A 116 13.67 3.92 6.49
CA VAL A 116 13.04 4.22 7.78
C VAL A 116 14.06 4.53 8.87
N ALA A 117 15.21 3.85 8.82
CA ALA A 117 16.29 4.03 9.79
C ALA A 117 16.88 5.43 9.72
N ASN A 118 17.39 5.80 8.54
CA ASN A 118 18.00 7.11 8.32
C ASN A 118 17.08 8.28 8.66
N LYS A 119 15.77 8.02 8.68
CA LYS A 119 14.77 9.04 8.97
C LYS A 119 14.79 9.47 10.44
N ALA A 120 14.77 8.48 11.34
CA ALA A 120 14.83 8.75 12.78
C ALA A 120 16.22 9.27 13.21
N THR A 121 17.24 8.83 12.49
CA THR A 121 18.62 9.18 12.78
C THR A 121 18.85 10.67 12.54
N LEU A 122 18.48 11.13 11.35
CA LEU A 122 18.60 12.54 10.98
C LEU A 122 17.67 13.41 11.81
N CYS A 123 16.49 12.88 12.15
CA CYS A 123 15.52 13.58 12.98
C CYS A 123 15.94 13.66 14.46
N SER A 124 16.94 12.88 14.86
CA SER A 124 17.48 12.97 16.22
C SER A 124 18.69 13.92 16.32
N MET A 125 19.32 14.22 15.19
CA MET A 125 20.41 15.21 15.14
C MET A 125 19.82 16.61 15.17
N LYS A 126 19.42 17.03 16.37
CA LYS A 126 18.67 18.27 16.59
C LYS A 126 19.34 19.52 16.01
N GLY A 127 20.65 19.64 16.22
CA GLY A 127 21.41 20.80 15.74
C GLY A 127 21.47 20.89 14.24
N CYS A 128 21.66 19.74 13.59
CA CYS A 128 21.61 19.66 12.13
C CYS A 128 20.20 19.96 11.62
N MET A 129 19.18 19.51 12.37
CA MET A 129 17.79 19.80 12.07
C MET A 129 17.51 21.32 12.13
N ARG A 130 17.95 21.95 13.20
CA ARG A 130 17.81 23.40 13.37
C ARG A 130 18.47 24.14 12.21
N ALA A 131 19.64 23.65 11.81
CA ALA A 131 20.40 24.19 10.69
C ALA A 131 19.66 24.02 9.37
N LEU A 132 19.01 22.86 9.19
CA LEU A 132 18.22 22.57 7.99
C LEU A 132 17.04 23.53 7.85
N VAL A 133 16.25 23.64 8.93
CA VAL A 133 15.11 24.56 9.01
C VAL A 133 15.55 26.00 8.74
N ALA A 134 16.71 26.38 9.27
CA ALA A 134 17.27 27.71 9.07
C ALA A 134 17.55 28.05 7.61
N GLN A 135 17.84 27.03 6.80
CA GLN A 135 18.21 27.20 5.40
C GLN A 135 17.04 27.56 4.48
N LEU A 136 15.83 27.53 5.03
CA LEU A 136 14.62 27.90 4.29
C LEU A 136 14.47 29.41 4.18
N LYS A 137 15.51 30.14 4.57
CA LYS A 137 15.53 31.60 4.51
C LYS A 137 16.61 32.11 3.54
N SER A 138 17.35 31.18 2.96
CA SER A 138 18.53 31.51 2.15
C SER A 138 18.22 32.16 0.80
N GLU A 139 19.23 32.83 0.26
CA GLU A 139 19.16 33.49 -1.05
C GLU A 139 19.00 32.51 -2.21
N SER A 140 19.41 31.25 -2.00
CA SER A 140 19.26 30.21 -3.00
C SER A 140 17.93 29.46 -2.83
N GLU A 141 17.00 29.73 -3.74
CA GLU A 141 15.72 29.01 -3.78
C GLU A 141 15.92 27.57 -4.24
N ASP A 142 17.02 27.34 -4.95
CA ASP A 142 17.41 26.01 -5.40
C ASP A 142 17.78 25.12 -4.20
N LEU A 143 18.46 25.72 -3.22
CA LEU A 143 18.73 25.07 -1.93
C LEU A 143 17.45 24.82 -1.12
N GLN A 144 16.49 25.75 -1.22
CA GLN A 144 15.20 25.62 -0.55
C GLN A 144 14.40 24.43 -1.10
N GLN A 145 14.52 24.20 -2.41
CA GLN A 145 13.94 23.02 -3.05
C GLN A 145 14.60 21.75 -2.52
N VAL A 146 15.89 21.84 -2.22
CA VAL A 146 16.66 20.70 -1.72
C VAL A 146 16.29 20.38 -0.26
N ILE A 147 16.28 21.41 0.60
CA ILE A 147 15.94 21.28 2.02
C ILE A 147 14.52 20.73 2.22
N ALA A 148 13.55 21.33 1.52
CA ALA A 148 12.15 20.93 1.64
C ALA A 148 11.91 19.50 1.15
N SER A 149 12.84 19.00 0.34
CA SER A 149 12.82 17.61 -0.09
C SER A 149 13.35 16.69 1.01
N VAL A 150 14.27 17.21 1.82
CA VAL A 150 14.75 16.50 3.00
C VAL A 150 13.64 16.43 4.03
N LEU A 151 12.94 17.56 4.20
CA LEU A 151 11.86 17.69 5.17
C LEU A 151 10.62 16.91 4.75
N ARG A 152 10.44 16.74 3.44
CA ARG A 152 9.35 15.92 2.90
C ARG A 152 9.49 14.48 3.39
N ASN A 153 10.64 13.88 3.09
CA ASN A 153 10.92 12.48 3.42
C ASN A 153 10.98 12.21 4.92
N LEU A 154 11.43 13.19 5.66
CA LEU A 154 11.48 13.10 7.09
C LEU A 154 10.10 13.04 7.72
N SER A 155 9.20 13.90 7.24
CA SER A 155 7.82 13.96 7.72
C SER A 155 6.97 12.80 7.23
N TRP A 156 7.23 12.34 6.00
CA TRP A 156 6.50 11.21 5.42
C TRP A 156 6.76 9.92 6.19
N ARG A 157 5.67 9.31 6.67
CA ARG A 157 5.70 8.08 7.47
C ARG A 157 6.71 8.15 8.63
N ALA A 158 6.79 9.34 9.24
CA ALA A 158 7.65 9.57 10.40
C ALA A 158 7.18 8.78 11.61
N ASP A 159 8.13 8.43 12.48
CA ASP A 159 7.83 7.79 13.75
C ASP A 159 7.47 8.83 14.82
N VAL A 160 6.98 8.35 15.96
CA VAL A 160 6.48 9.21 17.04
C VAL A 160 7.54 10.17 17.61
N ASN A 161 8.80 9.71 17.65
CA ASN A 161 9.92 10.60 18.00
C ASN A 161 10.14 11.70 16.96
N SER A 162 10.21 11.30 15.69
CA SER A 162 10.47 12.23 14.58
C SER A 162 9.48 13.40 14.52
N LYS A 163 8.19 13.09 14.69
CA LYS A 163 7.14 14.13 14.67
C LYS A 163 7.38 15.22 15.71
N LYS A 164 7.96 14.84 16.84
CA LYS A 164 8.23 15.76 17.94
C LYS A 164 9.37 16.72 17.61
N THR A 165 10.50 16.17 17.17
CA THR A 165 11.68 16.97 16.81
C THR A 165 11.34 17.95 15.67
N LEU A 166 10.60 17.46 14.68
CA LEU A 166 10.10 18.32 13.59
C LEU A 166 9.28 19.49 14.12
N ARG A 167 8.47 19.22 15.16
CA ARG A 167 7.65 20.25 15.79
C ARG A 167 8.51 21.21 16.65
N GLU A 168 9.41 20.63 17.45
CA GLU A 168 10.27 21.41 18.36
C GLU A 168 11.20 22.38 17.63
N VAL A 169 11.67 21.99 16.44
CA VAL A 169 12.56 22.86 15.63
C VAL A 169 11.82 23.95 14.84
N GLY A 170 10.49 23.84 14.79
CA GLY A 170 9.65 24.83 14.10
C GLY A 170 9.64 24.67 12.59
N SER A 171 9.50 23.42 12.14
CA SER A 171 9.46 23.09 10.71
C SER A 171 8.23 23.66 10.02
N VAL A 172 7.10 23.62 10.74
CA VAL A 172 5.81 24.05 10.21
C VAL A 172 5.78 25.55 9.91
N LYS A 173 6.13 26.36 10.91
CA LYS A 173 6.14 27.82 10.77
C LYS A 173 7.07 28.27 9.65
N ALA A 174 8.28 27.72 9.60
CA ALA A 174 9.28 28.10 8.61
C ALA A 174 8.91 27.68 7.19
N LEU A 175 8.39 26.47 7.03
CA LEU A 175 7.94 25.97 5.72
C LEU A 175 6.73 26.72 5.19
N MET A 176 5.78 27.04 6.07
CA MET A 176 4.62 27.85 5.68
C MET A 176 5.04 29.26 5.30
N GLU A 177 5.97 29.85 6.05
CA GLU A 177 6.51 31.17 5.70
C GLU A 177 7.33 31.13 4.40
N CYS A 178 8.03 30.02 4.17
CA CYS A 178 8.80 29.79 2.94
C CYS A 178 7.91 29.70 1.70
N ALA A 179 6.72 29.11 1.87
CA ALA A 179 5.74 28.97 0.78
C ALA A 179 5.32 30.31 0.16
N LEU A 180 5.25 31.36 0.99
CA LEU A 180 4.72 32.67 0.56
C LEU A 180 5.70 33.50 -0.29
N GLU A 181 6.99 33.18 -0.19
CA GLU A 181 8.04 33.93 -0.89
C GLU A 181 8.67 33.21 -2.09
N VAL A 182 8.40 31.92 -2.23
CA VAL A 182 9.00 31.12 -3.31
C VAL A 182 8.31 31.34 -4.65
N LYS A 183 9.11 31.39 -5.71
CA LYS A 183 8.60 31.61 -7.06
C LYS A 183 8.43 30.30 -7.84
N LYS A 184 9.44 29.42 -7.77
CA LYS A 184 9.50 28.20 -8.57
C LYS A 184 8.57 27.08 -8.10
N GLU A 185 7.96 26.40 -9.08
CA GLU A 185 7.00 25.33 -8.82
C GLU A 185 7.63 24.13 -8.13
N SER A 186 8.83 23.74 -8.59
CA SER A 186 9.54 22.59 -8.03
C SER A 186 9.87 22.76 -6.55
N THR A 187 10.15 24.00 -6.15
CA THR A 187 10.45 24.33 -4.75
C THR A 187 9.19 24.23 -3.89
N LEU A 188 8.13 24.94 -4.32
CA LEU A 188 6.84 24.95 -3.62
C LEU A 188 6.26 23.54 -3.47
N LYS A 189 6.39 22.74 -4.54
CA LYS A 189 5.95 21.35 -4.57
C LYS A 189 6.41 20.58 -3.33
N SER A 190 7.67 20.77 -2.97
CA SER A 190 8.31 20.05 -1.87
C SER A 190 7.98 20.68 -0.52
N VAL A 191 7.82 22.00 -0.52
CA VAL A 191 7.41 22.74 0.67
C VAL A 191 6.00 22.32 1.10
N LEU A 192 5.07 22.32 0.14
CA LEU A 192 3.68 21.94 0.40
C LEU A 192 3.52 20.46 0.79
N SER A 193 4.38 19.60 0.24
CA SER A 193 4.34 18.17 0.55
C SER A 193 4.81 17.87 1.98
N ALA A 194 5.82 18.60 2.44
CA ALA A 194 6.27 18.51 3.82
C ALA A 194 5.17 18.99 4.77
N LEU A 195 4.55 20.12 4.43
CA LEU A 195 3.46 20.69 5.23
C LEU A 195 2.19 19.85 5.21
N TRP A 196 1.97 19.09 4.14
CA TRP A 196 0.85 18.16 4.08
C TRP A 196 1.05 17.03 5.09
N ASN A 197 2.28 16.52 5.18
CA ASN A 197 2.63 15.52 6.18
C ASN A 197 2.68 16.09 7.59
N LEU A 198 3.25 17.29 7.73
CA LEU A 198 3.45 17.93 9.03
C LEU A 198 2.16 18.38 9.70
N SER A 199 1.17 18.78 8.90
CA SER A 199 -0.13 19.21 9.44
C SER A 199 -0.90 18.05 10.08
N ALA A 200 -0.86 16.89 9.45
CA ALA A 200 -1.54 15.68 9.93
C ALA A 200 -0.98 15.15 11.26
N HIS A 201 0.23 15.57 11.62
CA HIS A 201 0.92 15.07 12.81
C HIS A 201 0.23 15.43 14.14
N CYS A 202 -0.06 16.72 14.33
CA CYS A 202 -0.75 17.20 15.52
C CYS A 202 -1.47 18.54 15.25
N THR A 203 -2.44 18.87 16.12
CA THR A 203 -3.19 20.12 15.99
C THR A 203 -2.35 21.34 16.33
N GLU A 204 -1.30 21.14 17.14
CA GLU A 204 -0.34 22.19 17.46
C GLU A 204 0.31 22.71 16.17
N ASN A 205 0.63 21.78 15.26
CA ASN A 205 1.15 22.10 13.93
C ASN A 205 0.13 22.86 13.08
N LYS A 206 -1.10 22.33 13.04
CA LYS A 206 -2.22 22.96 12.33
C LYS A 206 -2.38 24.41 12.73
N ALA A 207 -2.20 24.67 14.02
CA ALA A 207 -2.31 26.02 14.58
C ALA A 207 -1.22 26.95 14.06
N ASP A 208 0.00 26.43 13.91
CA ASP A 208 1.12 27.20 13.38
C ASP A 208 0.90 27.67 11.94
N ILE A 209 0.22 26.84 11.14
CA ILE A 209 -0.13 27.19 9.76
C ILE A 209 -1.19 28.30 9.71
N CYS A 210 -2.23 28.16 10.52
CA CYS A 210 -3.32 29.14 10.56
C CYS A 210 -2.89 30.46 11.21
N ALA A 211 -1.88 30.38 12.07
CA ALA A 211 -1.33 31.55 12.77
C ALA A 211 -0.50 32.46 11.88
N VAL A 212 0.00 31.93 10.77
CA VAL A 212 0.80 32.71 9.81
C VAL A 212 -0.09 33.62 8.95
N ASP A 213 0.23 34.90 8.92
CA ASP A 213 -0.53 35.91 8.18
C ASP A 213 -0.34 35.78 6.67
N GLY A 214 -1.45 35.65 5.95
CA GLY A 214 -1.42 35.50 4.51
C GLY A 214 -1.24 34.07 4.02
N ALA A 215 -1.30 33.12 4.96
CA ALA A 215 -1.12 31.71 4.65
C ALA A 215 -2.40 31.02 4.17
N LEU A 216 -3.54 31.39 4.75
CA LEU A 216 -4.81 30.75 4.40
C LEU A 216 -5.34 31.14 3.03
N ALA A 217 -5.01 32.36 2.59
CA ALA A 217 -5.37 32.83 1.25
C ALA A 217 -4.52 32.15 0.17
N PHE A 218 -3.25 31.90 0.52
CA PHE A 218 -2.33 31.16 -0.34
C PHE A 218 -2.75 29.70 -0.51
N LEU A 219 -3.28 29.09 0.56
CA LEU A 219 -3.70 27.70 0.49
C LEU A 219 -4.98 27.55 -0.35
N VAL A 220 -5.83 28.57 -0.29
CA VAL A 220 -6.98 28.64 -1.18
C VAL A 220 -6.48 28.96 -2.58
N GLY A 221 -5.47 29.82 -2.66
CA GLY A 221 -4.80 30.16 -3.91
C GLY A 221 -4.23 28.98 -4.69
N THR A 222 -3.77 27.97 -3.96
CA THR A 222 -3.22 26.76 -4.56
C THR A 222 -4.28 25.80 -5.07
N LEU A 223 -5.52 25.99 -4.64
CA LEU A 223 -6.65 25.18 -5.12
C LEU A 223 -6.92 25.42 -6.60
N THR A 224 -6.56 26.61 -7.08
CA THR A 224 -6.71 26.97 -8.49
C THR A 224 -5.35 27.22 -9.14
N TYR A 225 -4.40 26.34 -8.86
CA TYR A 225 -3.05 26.43 -9.41
C TYR A 225 -3.02 26.03 -10.90
N ARG A 226 -2.66 26.99 -11.75
CA ARG A 226 -2.61 26.79 -13.21
C ARG A 226 -1.53 25.79 -13.63
N SER A 227 -0.26 26.14 -13.43
CA SER A 227 0.86 25.28 -13.84
C SER A 227 1.11 24.17 -12.83
N LEU A 232 -1.24 19.39 -10.83
CA LEU A 232 -2.26 18.88 -9.92
C LEU A 232 -1.67 18.55 -8.55
N ALA A 233 -0.36 18.27 -8.53
CA ALA A 233 0.37 17.99 -7.30
C ALA A 233 0.32 19.14 -6.30
N ILE A 234 0.38 20.37 -6.82
CA ILE A 234 0.24 21.58 -6.02
C ILE A 234 -1.18 21.71 -5.46
N ILE A 235 -2.19 21.39 -6.28
CA ILE A 235 -3.60 21.45 -5.87
C ILE A 235 -3.92 20.36 -4.85
N GLU A 236 -3.26 19.21 -4.99
CA GLU A 236 -3.42 18.08 -4.08
C GLU A 236 -2.85 18.35 -2.69
N SER A 237 -1.55 18.68 -2.64
CA SER A 237 -0.85 18.90 -1.38
C SER A 237 -1.32 20.18 -0.65
N GLY A 238 -1.70 21.19 -1.43
CA GLY A 238 -2.23 22.45 -0.87
C GLY A 238 -3.64 22.31 -0.31
N GLY A 239 -4.50 21.62 -1.04
CA GLY A 239 -5.83 21.25 -0.55
C GLY A 239 -5.74 20.16 0.51
N GLY A 240 -4.59 19.53 0.61
CA GLY A 240 -4.31 18.57 1.66
C GLY A 240 -4.03 19.28 2.98
N ILE A 241 -3.21 20.33 2.92
CA ILE A 241 -2.91 21.16 4.08
C ILE A 241 -4.20 21.79 4.60
N LEU A 242 -4.93 22.48 3.71
CA LEU A 242 -6.21 23.11 4.05
C LEU A 242 -7.21 22.12 4.66
N ARG A 243 -7.29 20.92 4.08
CA ARG A 243 -8.16 19.85 4.58
C ARG A 243 -7.86 19.53 6.04
N ASN A 244 -6.58 19.32 6.35
CA ASN A 244 -6.15 19.02 7.71
C ASN A 244 -6.49 20.15 8.67
N VAL A 245 -6.13 21.37 8.30
CA VAL A 245 -6.28 22.53 9.18
C VAL A 245 -7.72 23.06 9.27
N SER A 246 -8.60 22.59 8.39
CA SER A 246 -10.00 23.06 8.37
C SER A 246 -10.78 22.71 9.64
N SER A 247 -10.23 21.82 10.47
CA SER A 247 -10.82 21.51 11.77
C SER A 247 -10.65 22.66 12.75
N LEU A 248 -9.64 23.50 12.52
CA LEU A 248 -9.45 24.71 13.31
C LEU A 248 -10.11 25.94 12.65
N ILE A 249 -10.29 25.89 11.34
CA ILE A 249 -10.95 26.97 10.60
C ILE A 249 -12.47 26.96 10.79
N ALA A 250 -13.03 25.76 10.94
CA ALA A 250 -14.48 25.59 11.12
C ALA A 250 -15.03 26.30 12.34
N THR A 251 -14.21 26.36 13.40
CA THR A 251 -14.53 27.11 14.61
C THR A 251 -14.23 28.60 14.44
N ASN A 252 -13.30 28.90 13.52
CA ASN A 252 -12.78 30.26 13.35
C ASN A 252 -13.48 31.04 12.24
N GLU A 253 -14.46 31.85 12.63
CA GLU A 253 -15.25 32.66 11.69
C GLU A 253 -14.42 33.69 10.91
N ASP A 254 -13.46 34.32 11.56
CA ASP A 254 -12.58 35.29 10.90
C ASP A 254 -11.73 34.63 9.81
N HIS A 255 -11.35 33.37 10.04
CA HIS A 255 -10.60 32.61 9.05
C HIS A 255 -11.51 32.04 7.97
N ARG A 256 -12.78 31.84 8.30
CA ARG A 256 -13.81 31.44 7.32
C ARG A 256 -14.04 32.54 6.29
N GLN A 257 -13.83 33.78 6.71
CA GLN A 257 -14.05 34.95 5.88
C GLN A 257 -12.92 35.17 4.87
N ILE A 258 -11.74 34.65 5.19
CA ILE A 258 -10.59 34.68 4.27
C ILE A 258 -10.82 33.65 3.17
N LEU A 259 -11.42 32.53 3.55
CA LEU A 259 -11.86 31.52 2.59
C LEU A 259 -12.99 32.05 1.70
N ARG A 260 -13.83 32.91 2.26
CA ARG A 260 -15.00 33.43 1.54
C ARG A 260 -14.64 34.46 0.48
N GLU A 261 -13.80 35.42 0.85
CA GLU A 261 -13.36 36.48 -0.06
C GLU A 261 -12.43 35.93 -1.15
N ASN A 262 -11.89 34.75 -0.90
CA ASN A 262 -11.11 34.04 -1.90
C ASN A 262 -11.88 32.86 -2.49
N ASN A 263 -13.20 32.85 -2.25
CA ASN A 263 -14.17 31.98 -2.92
C ASN A 263 -13.82 30.48 -2.85
N CYS A 264 -13.47 30.04 -1.65
CA CYS A 264 -12.91 28.69 -1.43
C CYS A 264 -13.93 27.58 -1.59
N LEU A 265 -15.11 27.73 -0.97
CA LEU A 265 -16.15 26.69 -1.04
C LEU A 265 -16.62 26.40 -2.47
N GLN A 266 -16.70 27.45 -3.30
CA GLN A 266 -17.03 27.31 -4.73
C GLN A 266 -16.02 26.41 -5.43
N THR A 267 -14.75 26.62 -5.13
CA THR A 267 -13.66 25.86 -5.71
C THR A 267 -13.66 24.43 -5.18
N LEU A 268 -13.97 24.27 -3.89
CA LEU A 268 -14.05 22.95 -3.26
C LEU A 268 -15.09 22.05 -3.94
N LEU A 269 -16.22 22.65 -4.31
CA LEU A 269 -17.30 21.94 -4.97
C LEU A 269 -16.92 21.50 -6.38
N GLN A 270 -16.12 22.32 -7.06
CA GLN A 270 -15.60 22.00 -8.38
C GLN A 270 -14.62 20.84 -8.32
N HIS A 271 -13.88 20.76 -7.21
CA HIS A 271 -12.95 19.67 -6.95
C HIS A 271 -13.64 18.31 -6.89
N LEU A 272 -14.89 18.30 -6.43
CA LEU A 272 -15.67 17.07 -6.32
C LEU A 272 -15.83 16.35 -7.66
N LYS A 273 -15.67 17.10 -8.75
CA LYS A 273 -15.73 16.58 -10.12
C LYS A 273 -14.35 16.19 -10.68
N SER A 274 -13.32 16.26 -9.84
CA SER A 274 -11.94 16.13 -10.31
C SER A 274 -11.53 14.69 -10.63
N HIS A 275 -10.57 14.58 -11.54
CA HIS A 275 -10.01 13.30 -11.97
C HIS A 275 -9.21 12.65 -10.83
N SER A 276 -8.49 13.48 -10.08
CA SER A 276 -7.61 13.03 -9.00
C SER A 276 -8.41 12.64 -7.76
N LEU A 277 -8.36 11.37 -7.42
CA LEU A 277 -9.03 10.82 -6.25
C LEU A 277 -8.53 11.47 -4.94
N THR A 278 -7.30 11.95 -4.97
CA THR A 278 -6.68 12.65 -3.85
C THR A 278 -7.35 14.01 -3.61
N ILE A 279 -7.69 14.70 -4.71
CA ILE A 279 -8.37 16.00 -4.63
C ILE A 279 -9.81 15.84 -4.11
N VAL A 280 -10.52 14.84 -4.63
CA VAL A 280 -11.91 14.60 -4.23
C VAL A 280 -11.97 14.22 -2.75
N SER A 281 -10.99 13.43 -2.31
CA SER A 281 -10.83 13.06 -0.91
C SER A 281 -10.55 14.28 -0.05
N ASN A 282 -9.68 15.16 -0.55
CA ASN A 282 -9.37 16.42 0.13
C ASN A 282 -10.61 17.28 0.33
N ALA A 283 -11.29 17.60 -0.77
CA ALA A 283 -12.51 18.43 -0.73
C ALA A 283 -13.51 17.92 0.30
N CYS A 284 -13.78 16.62 0.29
CA CYS A 284 -14.74 15.99 1.21
C CYS A 284 -14.43 16.31 2.68
N GLY A 285 -13.21 16.01 3.11
CA GLY A 285 -12.77 16.28 4.48
C GLY A 285 -12.80 17.75 4.83
N THR A 286 -12.34 18.59 3.91
CA THR A 286 -12.38 20.04 4.07
C THR A 286 -13.81 20.53 4.21
N LEU A 287 -14.69 20.06 3.31
CA LEU A 287 -16.10 20.45 3.31
C LEU A 287 -16.83 19.93 4.54
N TRP A 288 -16.53 18.71 4.95
CA TRP A 288 -17.13 18.13 6.16
C TRP A 288 -16.83 18.95 7.42
N ASN A 289 -15.64 19.53 7.48
CA ASN A 289 -15.30 20.46 8.55
C ASN A 289 -16.06 21.78 8.42
N LEU A 290 -16.06 22.35 7.21
CA LEU A 290 -16.63 23.68 6.97
C LEU A 290 -18.16 23.72 6.94
N SER A 291 -18.78 22.61 6.52
CA SER A 291 -20.25 22.50 6.45
C SER A 291 -20.91 22.40 7.81
N ALA A 292 -20.11 22.38 8.88
CA ALA A 292 -20.63 22.22 10.25
C ALA A 292 -20.35 23.43 11.13
N ARG A 293 -21.30 23.74 12.00
CA ARG A 293 -21.14 24.73 13.08
C ARG A 293 -21.08 26.18 12.57
N ASN A 294 -21.59 26.41 11.36
CA ASN A 294 -21.61 27.73 10.75
C ASN A 294 -22.81 27.89 9.80
N PRO A 295 -23.67 28.88 10.05
CA PRO A 295 -24.87 29.07 9.24
C PRO A 295 -24.59 29.57 7.81
N LYS A 296 -23.65 30.51 7.68
CA LYS A 296 -23.40 31.17 6.39
C LYS A 296 -22.85 30.26 5.28
N ASP A 297 -21.85 29.44 5.62
CA ASP A 297 -21.28 28.49 4.66
C ASP A 297 -22.25 27.33 4.36
N GLN A 298 -23.04 26.95 5.36
CA GLN A 298 -24.12 25.97 5.16
C GLN A 298 -25.07 26.43 4.06
N GLU A 299 -25.58 27.66 4.21
CA GLU A 299 -26.56 28.23 3.29
C GLU A 299 -25.97 28.47 1.91
N ALA A 300 -24.71 28.90 1.88
CA ALA A 300 -23.98 29.09 0.63
C ALA A 300 -23.86 27.78 -0.15
N LEU A 301 -23.49 26.70 0.55
CA LEU A 301 -23.34 25.38 -0.07
C LEU A 301 -24.65 24.85 -0.64
N TRP A 302 -25.76 25.16 0.03
CA TRP A 302 -27.09 24.83 -0.47
C TRP A 302 -27.39 25.57 -1.77
N ASP A 303 -26.99 26.85 -1.83
CA ASP A 303 -27.24 27.70 -2.98
C ASP A 303 -26.32 27.38 -4.17
N MET A 304 -25.26 26.63 -3.90
CA MET A 304 -24.28 26.25 -4.92
C MET A 304 -24.52 24.85 -5.47
N GLY A 305 -25.19 24.00 -4.69
CA GLY A 305 -25.56 22.65 -5.12
C GLY A 305 -24.81 21.55 -4.41
N ALA A 306 -24.46 21.77 -3.14
CA ALA A 306 -23.67 20.81 -2.38
C ALA A 306 -24.42 19.53 -2.04
N VAL A 307 -25.74 19.59 -2.06
CA VAL A 307 -26.55 18.41 -1.74
C VAL A 307 -26.40 17.35 -2.85
N SER A 308 -26.69 17.73 -4.09
CA SER A 308 -26.58 16.82 -5.24
C SER A 308 -25.13 16.45 -5.57
N MET A 309 -24.21 17.36 -5.32
CA MET A 309 -22.80 17.14 -5.63
C MET A 309 -22.10 16.22 -4.65
N LEU A 310 -22.57 16.19 -3.40
CA LEU A 310 -22.05 15.25 -2.39
C LEU A 310 -22.81 13.93 -2.36
N LYS A 311 -24.03 13.92 -2.88
CA LYS A 311 -24.87 12.73 -2.92
C LYS A 311 -24.42 11.72 -3.97
N ASN A 312 -23.93 12.22 -5.10
CA ASN A 312 -23.42 11.36 -6.18
C ASN A 312 -22.10 10.66 -5.85
N LEU A 313 -21.60 10.90 -4.63
CA LEU A 313 -20.31 10.35 -4.18
C LEU A 313 -20.40 9.46 -2.94
N ILE A 314 -21.61 9.19 -2.47
CA ILE A 314 -21.80 8.41 -1.25
C ILE A 314 -21.76 6.89 -1.49
N HIS A 315 -21.91 6.49 -2.74
CA HIS A 315 -21.81 5.09 -3.13
C HIS A 315 -20.46 4.81 -3.78
N SER A 316 -19.53 5.75 -3.64
CA SER A 316 -18.20 5.62 -4.22
C SER A 316 -17.41 4.45 -3.65
N LYS A 317 -16.51 3.92 -4.47
CA LYS A 317 -15.66 2.80 -4.16
C LYS A 317 -14.72 3.11 -2.99
N HIS A 318 -14.28 4.34 -2.92
CA HIS A 318 -13.23 4.75 -1.99
C HIS A 318 -13.78 5.24 -0.66
N LYS A 319 -13.16 4.76 0.42
CA LYS A 319 -13.49 5.17 1.79
C LYS A 319 -13.62 6.67 1.96
N MET A 320 -12.51 7.37 1.76
CA MET A 320 -12.39 8.80 2.06
C MET A 320 -13.41 9.64 1.29
N ILE A 321 -13.68 9.23 0.06
CA ILE A 321 -14.68 9.90 -0.76
C ILE A 321 -16.09 9.55 -0.25
N ALA A 322 -16.29 8.28 0.11
CA ALA A 322 -17.55 7.84 0.71
C ALA A 322 -17.72 8.37 2.13
N MET A 323 -16.60 8.55 2.83
CA MET A 323 -16.57 9.08 4.19
C MET A 323 -17.04 10.51 4.25
N GLY A 324 -16.33 11.40 3.55
CA GLY A 324 -16.60 12.83 3.58
C GLY A 324 -17.91 13.20 2.93
N SER A 325 -18.24 12.52 1.84
CA SER A 325 -19.42 12.85 1.03
C SER A 325 -20.70 12.98 1.87
N ALA A 326 -21.14 11.88 2.46
CA ALA A 326 -22.33 11.88 3.29
C ALA A 326 -22.10 12.56 4.64
N ALA A 327 -20.84 12.55 5.10
CA ALA A 327 -20.47 13.18 6.36
C ALA A 327 -20.72 14.69 6.33
N ALA A 328 -20.40 15.29 5.20
CA ALA A 328 -20.66 16.71 4.96
C ALA A 328 -22.14 16.89 4.62
N LEU A 329 -22.71 15.91 3.92
CA LEU A 329 -24.13 15.90 3.57
C LEU A 329 -25.01 15.82 4.82
N ARG A 330 -24.63 14.99 5.78
CA ARG A 330 -25.36 14.86 7.05
C ARG A 330 -25.38 16.16 7.85
N ASN A 331 -24.26 16.89 7.81
CA ASN A 331 -24.17 18.21 8.43
C ASN A 331 -25.12 19.21 7.78
N LEU A 332 -25.39 19.00 6.49
CA LEU A 332 -26.21 19.92 5.70
C LEU A 332 -27.70 19.59 5.75
N MET A 333 -28.04 18.31 5.59
CA MET A 333 -29.43 17.83 5.64
C MET A 333 -30.08 18.07 7.00
N ALA A 334 -29.26 18.11 8.05
CA ALA A 334 -29.71 18.40 9.41
C ALA A 334 -29.91 19.91 9.64
N ASN A 335 -29.32 20.71 8.76
CA ASN A 335 -29.39 22.17 8.88
C ASN A 335 -29.93 22.87 7.63
N ARG A 336 -31.17 22.53 7.27
CA ARG A 336 -31.89 23.20 6.18
C ARG A 336 -32.23 24.63 6.58
N PRO A 337 -32.27 25.53 5.59
CA PRO A 337 -32.64 26.93 5.80
C PRO A 337 -33.14 27.57 4.50
N HIS B 8 -36.20 -3.56 2.47
CA HIS B 8 -35.61 -4.52 3.45
C HIS B 8 -34.09 -4.42 3.50
N MET B 9 -33.44 -4.58 2.34
CA MET B 9 -31.98 -4.52 2.25
C MET B 9 -31.48 -3.09 2.18
N LEU B 10 -32.22 -2.25 1.48
CA LEU B 10 -31.93 -0.82 1.37
C LEU B 10 -31.91 -0.18 2.75
N HIS B 11 -32.86 -0.60 3.59
CA HIS B 11 -32.96 -0.20 4.98
C HIS B 11 -31.72 -0.60 5.77
N LEU B 12 -31.21 -1.79 5.49
CA LEU B 12 -30.05 -2.34 6.21
C LEU B 12 -28.72 -1.79 5.72
N LEU B 13 -28.59 -1.62 4.40
CA LEU B 13 -27.36 -1.11 3.79
C LEU B 13 -27.02 0.31 4.25
N GLU B 14 -28.04 1.08 4.58
CA GLU B 14 -27.87 2.43 5.13
C GLU B 14 -27.35 2.43 6.55
N GLN B 15 -27.73 1.40 7.33
CA GLN B 15 -27.19 1.22 8.68
C GLN B 15 -25.68 0.93 8.64
N ILE B 16 -25.27 0.17 7.63
CA ILE B 16 -23.86 -0.14 7.41
C ILE B 16 -23.07 1.13 7.05
N ARG B 17 -23.61 1.91 6.13
CA ARG B 17 -22.99 3.17 5.70
C ARG B 17 -22.99 4.22 6.81
N ALA B 18 -24.11 4.34 7.52
CA ALA B 18 -24.25 5.31 8.61
C ALA B 18 -23.30 5.03 9.77
N TYR B 19 -23.08 3.76 10.07
CA TYR B 19 -22.11 3.37 11.09
C TYR B 19 -20.70 3.68 10.61
N CYS B 20 -20.42 3.28 9.36
CA CYS B 20 -19.19 3.65 8.68
C CYS B 20 -18.96 5.15 8.75
N GLU B 21 -20.02 5.92 8.48
CA GLU B 21 -19.99 7.39 8.56
C GLU B 21 -19.52 7.89 9.92
N THR B 22 -19.99 7.23 10.98
CA THR B 22 -19.57 7.55 12.33
C THR B 22 -18.12 7.11 12.57
N CYS B 23 -17.82 5.86 12.24
CA CYS B 23 -16.45 5.34 12.29
C CYS B 23 -15.50 6.29 11.60
N TRP B 24 -15.83 6.62 10.34
CA TRP B 24 -15.06 7.51 9.50
C TRP B 24 -14.83 8.89 10.14
N GLU B 25 -15.88 9.46 10.73
CA GLU B 25 -15.81 10.77 11.38
C GLU B 25 -14.86 10.82 12.58
N TRP B 26 -14.64 9.68 13.23
CA TRP B 26 -13.67 9.58 14.32
C TRP B 26 -12.23 9.66 13.79
N GLN B 27 -12.03 9.24 12.54
CA GLN B 27 -10.72 9.28 11.90
C GLN B 27 -10.36 10.68 11.43
N MET B 41 -14.14 6.80 19.98
CA MET B 41 -14.07 5.53 19.26
C MET B 41 -15.41 4.78 19.33
N PRO B 42 -16.03 4.52 18.17
CA PRO B 42 -17.26 3.73 18.11
C PRO B 42 -16.99 2.22 18.09
N ALA B 43 -17.69 1.48 18.94
CA ALA B 43 -17.57 0.02 19.02
C ALA B 43 -18.69 -0.66 18.19
N PRO B 44 -18.40 -1.85 17.62
CA PRO B 44 -19.37 -2.56 16.78
C PRO B 44 -20.61 -3.07 17.51
N VAL B 45 -20.59 -3.06 18.85
CA VAL B 45 -21.71 -3.55 19.65
C VAL B 45 -22.89 -2.58 19.71
N GLU B 46 -22.60 -1.28 19.81
CA GLU B 46 -23.60 -0.27 20.15
C GLU B 46 -24.61 0.11 19.05
N HIS B 47 -24.34 -0.30 17.80
CA HIS B 47 -25.18 0.11 16.67
C HIS B 47 -25.69 -1.05 15.80
N GLN B 48 -25.99 -2.19 16.43
CA GLN B 48 -26.60 -3.35 15.78
C GLN B 48 -25.91 -3.77 14.46
N ILE B 49 -24.60 -3.87 14.51
CA ILE B 49 -23.79 -4.14 13.32
C ILE B 49 -23.82 -5.61 12.89
N CYS B 50 -23.67 -6.52 13.85
CA CYS B 50 -23.69 -7.96 13.54
C CYS B 50 -25.04 -8.45 13.02
N PRO B 51 -26.16 -8.09 13.71
CA PRO B 51 -27.48 -8.54 13.23
C PRO B 51 -27.82 -8.02 11.83
N ALA B 52 -27.34 -6.83 11.49
CA ALA B 52 -27.55 -6.26 10.17
C ALA B 52 -26.88 -7.08 9.06
N VAL B 53 -25.55 -7.24 9.15
CA VAL B 53 -24.77 -7.97 8.14
C VAL B 53 -25.04 -9.49 8.14
N CYS B 54 -25.63 -9.99 9.23
CA CYS B 54 -26.04 -11.38 9.32
C CYS B 54 -27.21 -11.65 8.38
N VAL B 55 -28.24 -10.79 8.47
CA VAL B 55 -29.40 -10.87 7.58
C VAL B 55 -28.99 -10.63 6.13
N LEU B 56 -28.10 -9.67 5.94
CA LEU B 56 -27.58 -9.33 4.62
C LEU B 56 -26.81 -10.48 4.04
N MET B 57 -26.07 -11.17 4.89
CA MET B 57 -25.36 -12.36 4.49
C MET B 57 -26.31 -13.46 4.04
N LYS B 58 -27.42 -13.62 4.74
CA LYS B 58 -28.44 -14.63 4.43
C LYS B 58 -29.07 -14.39 3.05
N LEU B 59 -29.47 -13.15 2.80
CA LEU B 59 -30.13 -12.76 1.55
C LEU B 59 -29.21 -12.86 0.34
N SER B 60 -27.91 -12.79 0.58
CA SER B 60 -26.90 -12.84 -0.48
C SER B 60 -26.78 -14.23 -1.13
N PHE B 61 -27.51 -15.21 -0.60
CA PHE B 61 -27.54 -16.55 -1.19
C PHE B 61 -28.46 -16.63 -2.40
N ASP B 62 -29.56 -15.87 -2.36
CA ASP B 62 -30.57 -15.87 -3.42
C ASP B 62 -30.22 -14.91 -4.56
N GLU B 63 -30.31 -15.42 -5.79
CA GLU B 63 -29.99 -14.66 -7.00
C GLU B 63 -30.76 -13.35 -7.13
N GLU B 64 -32.04 -13.38 -6.79
CA GLU B 64 -32.91 -12.21 -6.85
C GLU B 64 -32.47 -11.14 -5.85
N HIS B 65 -32.14 -11.57 -4.63
CA HIS B 65 -31.65 -10.66 -3.59
C HIS B 65 -30.19 -10.27 -3.80
N ARG B 66 -29.54 -10.84 -4.82
CA ARG B 66 -28.18 -10.45 -5.17
C ARG B 66 -28.13 -9.28 -6.15
N HIS B 67 -28.90 -9.36 -7.25
CA HIS B 67 -28.98 -8.27 -8.22
C HIS B 67 -29.45 -6.98 -7.54
N ALA B 68 -30.35 -7.14 -6.58
CA ALA B 68 -30.89 -6.04 -5.80
C ALA B 68 -29.85 -5.41 -4.87
N MET B 69 -28.88 -6.21 -4.44
CA MET B 69 -27.72 -5.72 -3.67
C MET B 69 -26.88 -4.80 -4.54
N ASN B 70 -26.59 -5.24 -5.75
CA ASN B 70 -25.64 -4.58 -6.65
C ASN B 70 -26.05 -3.17 -7.06
N GLU B 71 -27.28 -3.02 -7.53
CA GLU B 71 -27.79 -1.73 -7.98
C GLU B 71 -28.08 -0.76 -6.81
N LEU B 72 -28.18 -1.31 -5.61
CA LEU B 72 -28.24 -0.52 -4.37
C LEU B 72 -26.83 -0.19 -3.87
N GLY B 73 -25.83 -0.80 -4.50
CA GLY B 73 -24.43 -0.56 -4.15
C GLY B 73 -24.03 -1.21 -2.85
N GLY B 74 -24.69 -2.32 -2.52
CA GLY B 74 -24.41 -3.05 -1.29
C GLY B 74 -23.08 -3.77 -1.29
N LEU B 75 -22.50 -3.93 -2.48
CA LEU B 75 -21.19 -4.53 -2.67
C LEU B 75 -20.10 -3.68 -2.00
N GLN B 76 -20.07 -2.39 -2.33
CA GLN B 76 -19.06 -1.48 -1.79
C GLN B 76 -19.32 -1.08 -0.33
N ALA B 77 -20.60 -1.07 0.06
CA ALA B 77 -20.98 -0.73 1.43
C ALA B 77 -20.39 -1.73 2.44
N ILE B 78 -20.61 -3.02 2.19
CA ILE B 78 -20.10 -4.10 3.04
C ILE B 78 -18.57 -4.12 3.08
N ALA B 79 -17.95 -4.00 1.91
CA ALA B 79 -16.49 -3.99 1.78
C ALA B 79 -15.83 -2.87 2.59
N GLU B 80 -16.46 -1.69 2.61
CA GLU B 80 -15.99 -0.56 3.40
C GLU B 80 -16.22 -0.77 4.91
N LEU B 81 -17.09 -1.71 5.25
CA LEU B 81 -17.33 -2.05 6.66
C LEU B 81 -16.22 -2.93 7.22
N LEU B 82 -15.77 -3.92 6.43
CA LEU B 82 -14.57 -4.67 6.76
C LEU B 82 -13.41 -3.69 6.90
N GLN B 83 -13.15 -2.98 5.79
CA GLN B 83 -12.10 -1.97 5.68
C GLN B 83 -11.99 -1.06 6.90
N VAL B 84 -13.13 -0.62 7.42
CA VAL B 84 -13.13 0.30 8.57
C VAL B 84 -12.87 -0.44 9.89
N ASP B 85 -13.49 -1.60 10.05
CA ASP B 85 -13.29 -2.43 11.25
C ASP B 85 -11.85 -2.92 11.34
N CYS B 86 -11.28 -3.29 10.19
CA CYS B 86 -9.91 -3.80 10.11
C CYS B 86 -8.86 -2.73 10.36
N GLU B 87 -9.17 -1.49 10.04
CA GLU B 87 -8.24 -0.38 10.21
C GLU B 87 -8.12 0.05 11.68
N MET B 88 -9.25 0.09 12.38
CA MET B 88 -9.32 0.57 13.76
C MET B 88 -8.82 -0.46 14.77
N TYR B 89 -9.25 -1.71 14.60
CA TYR B 89 -9.00 -2.76 15.59
C TYR B 89 -7.93 -3.78 15.19
N GLY B 90 -7.63 -3.84 13.89
CA GLY B 90 -6.62 -4.76 13.39
C GLY B 90 -7.05 -6.22 13.47
N LEU B 91 -6.57 -6.92 14.49
CA LEU B 91 -6.89 -8.33 14.70
C LEU B 91 -6.96 -8.66 16.19
N ASP B 94 -13.64 -8.10 20.63
CA ASP B 94 -12.89 -8.91 19.67
C ASP B 94 -13.75 -9.97 19.00
N HIS B 95 -14.72 -10.52 19.74
CA HIS B 95 -15.64 -11.52 19.20
C HIS B 95 -16.66 -10.90 18.24
N TYR B 96 -17.05 -9.67 18.53
CA TYR B 96 -17.98 -8.93 17.69
C TYR B 96 -17.26 -8.54 16.40
N SER B 97 -15.99 -8.16 16.52
CA SER B 97 -15.17 -7.76 15.40
C SER B 97 -14.98 -8.90 14.41
N ILE B 98 -14.65 -10.09 14.92
CA ILE B 98 -14.43 -11.27 14.08
C ILE B 98 -15.73 -11.75 13.43
N THR B 99 -16.81 -11.76 14.19
CA THR B 99 -18.11 -12.23 13.71
C THR B 99 -18.69 -11.33 12.62
N LEU B 100 -18.59 -10.02 12.81
CA LEU B 100 -19.01 -9.05 11.79
C LEU B 100 -18.16 -9.20 10.53
N ARG B 101 -16.86 -9.44 10.71
CA ARG B 101 -15.93 -9.64 9.59
C ARG B 101 -16.20 -10.93 8.84
N ARG B 102 -16.66 -11.95 9.57
CA ARG B 102 -17.05 -13.22 8.97
C ARG B 102 -18.25 -13.04 8.06
N TYR B 103 -19.33 -12.48 8.61
CA TYR B 103 -20.58 -12.29 7.87
C TYR B 103 -20.44 -11.34 6.69
N ALA B 104 -19.58 -10.34 6.84
CA ALA B 104 -19.29 -9.38 5.76
C ALA B 104 -18.49 -10.03 4.63
N GLY B 105 -17.52 -10.86 5.00
CA GLY B 105 -16.75 -11.65 4.04
C GLY B 105 -17.60 -12.73 3.41
N MET B 106 -18.50 -13.30 4.20
CA MET B 106 -19.48 -14.27 3.72
C MET B 106 -20.34 -13.63 2.64
N ALA B 107 -20.81 -12.43 2.92
CA ALA B 107 -21.56 -11.62 1.96
C ALA B 107 -20.72 -11.38 0.70
N LEU B 108 -19.45 -11.01 0.88
CA LEU B 108 -18.53 -10.80 -0.24
C LEU B 108 -18.20 -12.08 -1.01
N THR B 109 -18.22 -13.22 -0.33
CA THR B 109 -18.03 -14.53 -0.97
C THR B 109 -19.20 -14.83 -1.92
N ASN B 110 -20.42 -14.51 -1.47
CA ASN B 110 -21.63 -14.74 -2.25
C ASN B 110 -21.79 -13.77 -3.43
N LEU B 111 -21.41 -12.50 -3.21
CA LEU B 111 -21.57 -11.44 -4.21
C LEU B 111 -20.52 -11.48 -5.33
N THR B 112 -19.38 -12.11 -5.09
CA THR B 112 -18.29 -12.17 -6.06
C THR B 112 -18.21 -13.51 -6.80
N PHE B 113 -18.92 -14.51 -6.28
CA PHE B 113 -18.96 -15.85 -6.85
C PHE B 113 -19.53 -15.82 -8.28
N GLY B 114 -18.65 -15.99 -9.26
CA GLY B 114 -19.06 -16.03 -10.67
C GLY B 114 -19.72 -14.78 -11.23
N ASP B 115 -19.59 -13.66 -10.51
CA ASP B 115 -20.11 -12.37 -10.95
C ASP B 115 -18.95 -11.50 -11.42
N VAL B 116 -18.91 -11.25 -12.73
CA VAL B 116 -17.80 -10.56 -13.39
C VAL B 116 -17.49 -9.18 -12.78
N ALA B 117 -18.50 -8.31 -12.74
CA ALA B 117 -18.32 -6.92 -12.30
C ALA B 117 -17.92 -6.79 -10.84
N ASN B 118 -18.61 -7.52 -9.95
CA ASN B 118 -18.33 -7.48 -8.51
C ASN B 118 -16.89 -7.85 -8.15
N LYS B 119 -16.27 -8.69 -8.98
CA LYS B 119 -14.89 -9.14 -8.79
C LYS B 119 -13.88 -7.99 -8.93
N ALA B 120 -13.77 -7.44 -10.14
CA ALA B 120 -12.87 -6.33 -10.43
C ALA B 120 -13.16 -5.08 -9.59
N THR B 121 -14.43 -4.86 -9.27
CA THR B 121 -14.85 -3.76 -8.40
C THR B 121 -14.27 -3.94 -7.00
N LEU B 122 -14.39 -5.13 -6.43
CA LEU B 122 -13.84 -5.42 -5.10
C LEU B 122 -12.31 -5.44 -5.13
N CYS B 123 -11.74 -5.86 -6.25
CA CYS B 123 -10.29 -5.85 -6.47
C CYS B 123 -9.72 -4.43 -6.53
N SER B 124 -10.53 -3.47 -6.97
CA SER B 124 -10.08 -2.09 -7.08
C SER B 124 -10.26 -1.28 -5.78
N MET B 125 -10.88 -1.90 -4.79
CA MET B 125 -10.97 -1.28 -3.50
C MET B 125 -9.72 -1.72 -2.74
N LYS B 126 -8.66 -0.98 -2.98
CA LYS B 126 -7.31 -1.23 -2.44
C LYS B 126 -7.23 -1.46 -0.92
N GLY B 127 -7.82 -0.55 -0.15
CA GLY B 127 -7.76 -0.62 1.31
C GLY B 127 -8.47 -1.83 1.88
N CYS B 128 -9.61 -2.17 1.31
CA CYS B 128 -10.34 -3.38 1.67
C CYS B 128 -9.56 -4.63 1.24
N MET B 129 -8.97 -4.57 0.05
CA MET B 129 -8.13 -5.65 -0.47
C MET B 129 -6.99 -5.93 0.51
N ARG B 130 -6.20 -4.90 0.80
CA ARG B 130 -5.11 -5.00 1.78
C ARG B 130 -5.56 -5.52 3.15
N ALA B 131 -6.79 -5.15 3.54
CA ALA B 131 -7.37 -5.59 4.81
C ALA B 131 -7.73 -7.08 4.82
N LEU B 132 -8.20 -7.58 3.68
CA LEU B 132 -8.52 -8.99 3.52
C LEU B 132 -7.28 -9.89 3.65
N VAL B 133 -6.18 -9.43 3.05
CA VAL B 133 -4.89 -10.15 3.09
C VAL B 133 -4.38 -10.24 4.54
N ALA B 134 -4.66 -9.20 5.31
CA ALA B 134 -4.26 -9.12 6.73
C ALA B 134 -5.04 -10.11 7.61
N GLN B 135 -6.24 -10.47 7.18
CA GLN B 135 -7.12 -11.36 7.94
C GLN B 135 -6.69 -12.83 7.92
N LEU B 136 -5.72 -13.15 7.07
CA LEU B 136 -5.21 -14.51 6.98
C LEU B 136 -4.27 -14.85 8.13
N LYS B 137 -4.01 -13.86 8.98
CA LYS B 137 -3.12 -14.01 10.13
C LYS B 137 -3.91 -13.97 11.44
N SER B 138 -5.22 -14.18 11.33
CA SER B 138 -6.14 -14.08 12.45
C SER B 138 -6.17 -15.36 13.30
N GLU B 139 -6.53 -15.20 14.58
CA GLU B 139 -6.59 -16.31 15.53
C GLU B 139 -7.61 -17.40 15.17
N SER B 140 -8.90 -17.08 15.26
CA SER B 140 -9.97 -18.04 14.98
C SER B 140 -10.10 -18.34 13.49
N GLU B 141 -9.94 -19.61 13.15
CA GLU B 141 -9.79 -20.08 11.76
C GLU B 141 -11.06 -19.95 10.89
N ASP B 142 -12.21 -19.74 11.53
CA ASP B 142 -13.48 -19.57 10.81
C ASP B 142 -13.43 -18.39 9.84
N LEU B 143 -12.86 -17.27 10.31
CA LEU B 143 -12.67 -16.07 9.50
C LEU B 143 -11.79 -16.35 8.29
N GLN B 144 -10.71 -17.12 8.51
CA GLN B 144 -9.74 -17.42 7.44
C GLN B 144 -10.36 -18.11 6.24
N GLN B 145 -11.21 -19.09 6.48
CA GLN B 145 -11.88 -19.85 5.42
C GLN B 145 -12.77 -18.94 4.58
N VAL B 146 -13.35 -17.94 5.22
CA VAL B 146 -14.20 -16.97 4.58
C VAL B 146 -13.37 -16.07 3.66
N ILE B 147 -12.34 -15.44 4.23
CA ILE B 147 -11.40 -14.59 3.48
C ILE B 147 -10.77 -15.34 2.31
N ALA B 148 -10.34 -16.58 2.56
CA ALA B 148 -9.76 -17.44 1.53
C ALA B 148 -10.72 -17.63 0.34
N SER B 149 -12.00 -17.84 0.67
CA SER B 149 -13.06 -17.99 -0.32
C SER B 149 -13.31 -16.72 -1.12
N VAL B 150 -13.13 -15.57 -0.47
CA VAL B 150 -13.24 -14.27 -1.13
C VAL B 150 -12.12 -14.12 -2.17
N LEU B 151 -10.89 -14.35 -1.71
CA LEU B 151 -9.69 -14.24 -2.55
C LEU B 151 -9.64 -15.26 -3.69
N ARG B 152 -10.18 -16.47 -3.46
CA ARG B 152 -10.24 -17.47 -4.52
C ARG B 152 -11.13 -16.99 -5.66
N ASN B 153 -12.31 -16.48 -5.28
CA ASN B 153 -13.22 -15.85 -6.23
C ASN B 153 -12.61 -14.57 -6.81
N LEU B 154 -11.78 -13.90 -6.06
CA LEU B 154 -11.15 -12.74 -6.61
C LEU B 154 -10.11 -13.11 -7.60
N SER B 155 -9.52 -14.27 -7.46
CA SER B 155 -8.44 -14.73 -8.35
C SER B 155 -8.91 -15.63 -9.51
N TRP B 156 -10.06 -16.28 -9.35
CA TRP B 156 -10.60 -17.16 -10.39
C TRP B 156 -11.16 -16.35 -11.55
N ARG B 157 -10.63 -16.59 -12.74
CA ARG B 157 -11.03 -15.90 -13.97
C ARG B 157 -11.01 -14.37 -13.83
N ALA B 158 -10.10 -13.89 -12.98
CA ALA B 158 -9.93 -12.46 -12.73
C ALA B 158 -9.57 -11.69 -14.00
N ASP B 159 -9.84 -10.39 -14.02
CA ASP B 159 -9.43 -9.53 -15.13
C ASP B 159 -7.97 -9.10 -14.98
N VAL B 160 -7.43 -8.46 -16.02
CA VAL B 160 -6.01 -8.09 -16.08
C VAL B 160 -5.58 -7.11 -14.97
N ASN B 161 -6.49 -6.21 -14.56
CA ASN B 161 -6.19 -5.21 -13.52
C ASN B 161 -6.27 -5.78 -12.11
N SER B 162 -7.17 -6.74 -11.93
CA SER B 162 -7.36 -7.43 -10.65
C SER B 162 -6.13 -8.23 -10.24
N LYS B 163 -5.48 -8.85 -11.23
CA LYS B 163 -4.23 -9.58 -11.03
C LYS B 163 -3.19 -8.66 -10.38
N LYS B 164 -2.91 -7.56 -11.05
CA LYS B 164 -1.96 -6.54 -10.60
C LYS B 164 -2.13 -6.21 -9.12
N THR B 165 -3.37 -5.92 -8.71
CA THR B 165 -3.69 -5.65 -7.31
C THR B 165 -3.43 -6.87 -6.42
N LEU B 166 -4.05 -8.01 -6.75
CA LEU B 166 -3.82 -9.27 -6.03
C LEU B 166 -2.33 -9.58 -5.83
N ARG B 167 -1.50 -9.09 -6.73
CA ARG B 167 -0.05 -9.21 -6.59
C ARG B 167 0.51 -8.11 -5.70
N GLU B 168 0.02 -6.88 -5.89
CA GLU B 168 0.50 -5.69 -5.16
C GLU B 168 0.14 -5.66 -3.67
N VAL B 169 -0.79 -6.51 -3.27
CA VAL B 169 -1.20 -6.62 -1.88
C VAL B 169 -0.51 -7.82 -1.18
N GLY B 170 0.19 -8.63 -1.98
CA GLY B 170 0.83 -9.83 -1.47
C GLY B 170 -0.17 -10.89 -1.01
N SER B 171 -1.15 -11.18 -1.87
CA SER B 171 -2.12 -12.24 -1.62
C SER B 171 -1.46 -13.61 -1.69
N VAL B 172 -0.42 -13.72 -2.53
CA VAL B 172 0.33 -14.96 -2.71
C VAL B 172 1.13 -15.32 -1.46
N LYS B 173 1.95 -14.38 -1.00
CA LYS B 173 2.79 -14.56 0.19
C LYS B 173 1.95 -14.91 1.42
N ALA B 174 0.90 -14.13 1.66
CA ALA B 174 0.06 -14.29 2.83
C ALA B 174 -0.79 -15.57 2.83
N LEU B 175 -1.16 -16.04 1.64
CA LEU B 175 -1.88 -17.30 1.53
C LEU B 175 -0.95 -18.52 1.65
N MET B 176 0.26 -18.43 1.10
CA MET B 176 1.23 -19.51 1.20
C MET B 176 1.68 -19.73 2.65
N GLU B 177 1.80 -18.64 3.40
CA GLU B 177 2.09 -18.72 4.85
C GLU B 177 0.87 -19.18 5.64
N CYS B 178 -0.33 -18.93 5.10
CA CYS B 178 -1.58 -19.38 5.71
C CYS B 178 -1.76 -20.90 5.57
N ALA B 179 -1.53 -21.40 4.35
CA ALA B 179 -1.64 -22.83 4.07
C ALA B 179 -0.76 -23.70 4.98
N LEU B 180 0.34 -23.13 5.46
CA LEU B 180 1.28 -23.85 6.32
C LEU B 180 0.78 -24.06 7.76
N GLU B 181 -0.01 -23.12 8.27
CA GLU B 181 -0.46 -23.15 9.67
C GLU B 181 -1.92 -23.60 9.88
N VAL B 182 -2.71 -23.63 8.81
CA VAL B 182 -4.12 -24.04 8.90
C VAL B 182 -4.30 -25.49 9.31
N LYS B 183 -5.16 -25.72 10.30
CA LYS B 183 -5.43 -27.07 10.80
C LYS B 183 -6.62 -27.72 10.09
N LYS B 184 -7.71 -26.97 9.93
CA LYS B 184 -8.89 -27.44 9.20
C LYS B 184 -8.60 -27.70 7.71
N GLU B 185 -9.35 -28.64 7.14
CA GLU B 185 -9.17 -29.06 5.75
C GLU B 185 -9.92 -28.14 4.79
N SER B 186 -11.14 -27.76 5.19
CA SER B 186 -12.00 -26.87 4.41
C SER B 186 -11.41 -25.47 4.23
N THR B 187 -10.55 -25.09 5.16
CA THR B 187 -9.81 -23.82 5.08
C THR B 187 -8.68 -23.95 4.06
N LEU B 188 -8.00 -25.11 4.09
CA LEU B 188 -6.94 -25.43 3.15
C LEU B 188 -7.48 -25.56 1.72
N LYS B 189 -8.71 -26.04 1.60
CA LYS B 189 -9.41 -26.17 0.32
C LYS B 189 -9.40 -24.84 -0.42
N SER B 190 -9.80 -23.79 0.28
CA SER B 190 -9.96 -22.46 -0.30
C SER B 190 -8.62 -21.76 -0.54
N VAL B 191 -7.72 -21.86 0.43
CA VAL B 191 -6.39 -21.22 0.33
C VAL B 191 -5.60 -21.77 -0.86
N LEU B 192 -5.54 -23.09 -0.98
CA LEU B 192 -4.80 -23.74 -2.06
C LEU B 192 -5.41 -23.45 -3.44
N SER B 193 -6.75 -23.47 -3.52
CA SER B 193 -7.48 -23.12 -4.74
C SER B 193 -7.23 -21.68 -5.17
N ALA B 194 -7.11 -20.79 -4.18
CA ALA B 194 -6.79 -19.39 -4.44
C ALA B 194 -5.38 -19.29 -5.00
N LEU B 195 -4.43 -19.95 -4.34
CA LEU B 195 -3.02 -19.98 -4.76
C LEU B 195 -2.83 -20.67 -6.11
N TRP B 196 -3.72 -21.61 -6.43
CA TRP B 196 -3.67 -22.34 -7.70
C TRP B 196 -3.97 -21.41 -8.88
N ASN B 197 -5.01 -20.60 -8.72
CA ASN B 197 -5.34 -19.58 -9.70
C ASN B 197 -4.26 -18.48 -9.73
N LEU B 198 -3.73 -18.16 -8.55
CA LEU B 198 -2.76 -17.07 -8.40
C LEU B 198 -1.38 -17.40 -8.96
N SER B 199 -1.02 -18.68 -8.95
CA SER B 199 0.29 -19.12 -9.44
C SER B 199 0.37 -19.10 -10.97
N ALA B 200 -0.78 -19.22 -11.62
CA ALA B 200 -0.86 -19.15 -13.08
C ALA B 200 -0.81 -17.70 -13.58
N HIS B 201 -1.03 -16.76 -12.66
CA HIS B 201 -1.02 -15.32 -12.94
C HIS B 201 0.27 -14.81 -13.59
N CYS B 202 1.41 -15.03 -12.93
CA CYS B 202 2.72 -14.60 -13.43
C CYS B 202 3.87 -15.33 -12.71
N THR B 203 5.10 -15.11 -13.19
CA THR B 203 6.30 -15.77 -12.63
C THR B 203 6.71 -15.22 -11.26
N GLU B 204 6.36 -13.95 -11.02
CA GLU B 204 6.62 -13.30 -9.73
C GLU B 204 5.77 -13.89 -8.60
N ASN B 205 4.60 -14.45 -8.95
CA ASN B 205 3.75 -15.14 -7.99
C ASN B 205 4.26 -16.55 -7.68
N LYS B 206 4.78 -17.20 -8.72
CA LYS B 206 5.49 -18.48 -8.57
C LYS B 206 6.76 -18.30 -7.76
N ALA B 207 7.36 -17.11 -7.85
CA ALA B 207 8.56 -16.77 -7.09
C ALA B 207 8.25 -16.68 -5.60
N ASP B 208 7.25 -15.88 -5.25
CA ASP B 208 6.87 -15.65 -3.86
C ASP B 208 6.53 -16.94 -3.09
N ILE B 209 5.88 -17.90 -3.75
CA ILE B 209 5.57 -19.20 -3.15
C ILE B 209 6.86 -19.98 -2.84
N CYS B 210 7.77 -20.03 -3.81
CA CYS B 210 9.07 -20.68 -3.66
C CYS B 210 9.94 -19.99 -2.60
N ALA B 211 9.73 -18.68 -2.43
CA ALA B 211 10.48 -17.89 -1.45
C ALA B 211 10.09 -18.24 -0.01
N VAL B 212 8.79 -18.44 0.23
CA VAL B 212 8.29 -18.86 1.54
C VAL B 212 8.94 -20.18 1.96
N ASP B 213 9.51 -20.16 3.17
CA ASP B 213 10.25 -21.28 3.75
C ASP B 213 9.32 -22.44 4.06
N GLY B 214 9.69 -23.63 3.59
CA GLY B 214 8.91 -24.86 3.84
C GLY B 214 7.74 -25.08 2.90
N ALA B 215 7.45 -24.08 2.06
CA ALA B 215 6.29 -24.11 1.18
C ALA B 215 6.25 -25.31 0.24
N LEU B 216 7.35 -25.57 -0.47
CA LEU B 216 7.42 -26.67 -1.44
C LEU B 216 7.40 -28.05 -0.78
N ALA B 217 7.84 -28.13 0.47
CA ALA B 217 7.76 -29.36 1.25
C ALA B 217 6.31 -29.68 1.62
N PHE B 218 5.54 -28.63 1.91
CA PHE B 218 4.12 -28.75 2.25
C PHE B 218 3.32 -29.02 0.98
N LEU B 219 3.82 -28.52 -0.14
CA LEU B 219 3.16 -28.69 -1.44
C LEU B 219 3.36 -30.10 -1.98
N VAL B 220 4.53 -30.69 -1.71
CA VAL B 220 4.76 -32.10 -2.02
C VAL B 220 3.88 -32.97 -1.13
N GLY B 221 3.64 -32.50 0.09
CA GLY B 221 2.78 -33.17 1.07
C GLY B 221 1.33 -33.28 0.65
N THR B 222 0.80 -32.23 0.03
CA THR B 222 -0.59 -32.23 -0.46
C THR B 222 -0.81 -33.23 -1.59
N LEU B 223 0.26 -33.61 -2.27
CA LEU B 223 0.22 -34.61 -3.34
C LEU B 223 -0.24 -35.99 -2.88
N THR B 224 -0.09 -36.24 -1.57
CA THR B 224 -0.44 -37.54 -0.97
C THR B 224 -1.46 -37.35 0.16
N TYR B 225 -2.18 -36.23 0.13
CA TYR B 225 -3.09 -35.85 1.22
C TYR B 225 -4.10 -36.93 1.61
N ARG B 226 -4.37 -37.00 2.92
CA ARG B 226 -5.33 -37.96 3.48
C ARG B 226 -6.68 -37.29 3.75
N SER B 227 -7.72 -37.79 3.10
CA SER B 227 -9.08 -37.29 3.31
C SER B 227 -10.10 -38.43 3.32
N LEU B 232 -10.34 -35.12 -2.08
CA LEU B 232 -9.33 -35.22 -3.14
C LEU B 232 -9.21 -33.92 -3.95
N ALA B 233 -9.56 -32.80 -3.32
CA ALA B 233 -9.41 -31.48 -3.94
C ALA B 233 -8.09 -30.83 -3.52
N ILE B 234 -7.56 -31.29 -2.38
CA ILE B 234 -6.28 -30.82 -1.84
C ILE B 234 -5.14 -31.29 -2.73
N ILE B 235 -5.22 -32.55 -3.17
CA ILE B 235 -4.28 -33.12 -4.13
C ILE B 235 -4.37 -32.37 -5.45
N GLU B 236 -5.62 -32.14 -5.90
CA GLU B 236 -5.88 -31.41 -7.13
C GLU B 236 -5.27 -30.02 -7.15
N SER B 237 -5.56 -29.24 -6.11
CA SER B 237 -5.12 -27.84 -6.03
C SER B 237 -3.63 -27.73 -5.68
N GLY B 238 -3.18 -28.59 -4.76
CA GLY B 238 -1.78 -28.63 -4.34
C GLY B 238 -0.87 -28.95 -5.51
N GLY B 239 -1.11 -30.10 -6.13
CA GLY B 239 -0.39 -30.50 -7.34
C GLY B 239 -0.52 -29.45 -8.43
N GLY B 240 -1.69 -28.79 -8.45
CA GLY B 240 -1.94 -27.66 -9.35
C GLY B 240 -1.02 -26.47 -9.10
N ILE B 241 -0.65 -26.25 -7.85
CA ILE B 241 0.31 -25.20 -7.51
C ILE B 241 1.72 -25.64 -7.88
N LEU B 242 2.04 -26.91 -7.57
CA LEU B 242 3.36 -27.46 -7.90
C LEU B 242 3.60 -27.49 -9.41
N ARG B 243 2.54 -27.75 -10.18
CA ARG B 243 2.62 -27.73 -11.63
C ARG B 243 3.07 -26.36 -12.14
N ASN B 244 2.47 -25.31 -11.60
CA ASN B 244 2.77 -23.94 -12.01
C ASN B 244 4.19 -23.51 -11.66
N VAL B 245 4.61 -23.79 -10.43
CA VAL B 245 5.92 -23.33 -9.94
C VAL B 245 7.11 -24.18 -10.38
N SER B 246 6.83 -25.37 -10.93
CA SER B 246 7.86 -26.34 -11.32
C SER B 246 8.81 -25.82 -12.42
N SER B 247 8.40 -24.79 -13.14
CA SER B 247 9.28 -24.14 -14.12
C SER B 247 10.40 -23.34 -13.46
N LEU B 248 10.14 -22.80 -12.27
CA LEU B 248 11.15 -22.09 -11.50
C LEU B 248 12.01 -23.03 -10.65
N ILE B 249 11.44 -24.18 -10.30
CA ILE B 249 12.17 -25.24 -9.57
C ILE B 249 13.18 -25.89 -10.50
N ALA B 250 12.82 -26.05 -11.78
CA ALA B 250 13.61 -26.76 -12.77
C ALA B 250 15.07 -26.32 -12.83
N THR B 251 15.30 -25.04 -12.56
CA THR B 251 16.63 -24.45 -12.54
C THR B 251 17.26 -24.49 -11.14
N ASN B 252 16.40 -24.54 -10.12
CA ASN B 252 16.84 -24.51 -8.73
C ASN B 252 17.08 -25.90 -8.14
N GLU B 253 18.35 -26.31 -8.06
CA GLU B 253 18.74 -27.63 -7.55
C GLU B 253 18.45 -27.77 -6.06
N ASP B 254 18.60 -26.67 -5.33
CA ASP B 254 18.24 -26.61 -3.90
C ASP B 254 16.77 -26.95 -3.68
N HIS B 255 15.90 -26.47 -4.58
CA HIS B 255 14.47 -26.75 -4.51
C HIS B 255 14.15 -28.16 -5.00
N ARG B 256 14.93 -28.63 -5.98
CA ARG B 256 14.82 -30.00 -6.50
C ARG B 256 15.15 -31.03 -5.42
N GLN B 257 16.07 -30.67 -4.53
CA GLN B 257 16.45 -31.52 -3.40
C GLN B 257 15.34 -31.61 -2.36
N ILE B 258 14.63 -30.50 -2.14
CA ILE B 258 13.46 -30.45 -1.25
C ILE B 258 12.39 -31.45 -1.73
N LEU B 259 12.20 -31.48 -3.06
CA LEU B 259 11.28 -32.44 -3.68
C LEU B 259 11.73 -33.89 -3.48
N ARG B 260 13.05 -34.10 -3.48
CA ARG B 260 13.64 -35.45 -3.36
C ARG B 260 13.50 -36.06 -1.97
N GLU B 261 13.67 -35.25 -0.93
CA GLU B 261 13.57 -35.74 0.45
C GLU B 261 12.12 -35.77 0.95
N ASN B 262 11.19 -35.62 0.01
CA ASN B 262 9.77 -35.77 0.26
C ASN B 262 9.17 -36.73 -0.78
N ASN B 263 10.06 -37.31 -1.59
CA ASN B 263 9.73 -38.39 -2.53
C ASN B 263 8.74 -37.99 -3.65
N CYS B 264 8.91 -36.79 -4.20
CA CYS B 264 7.94 -36.21 -5.15
C CYS B 264 7.78 -36.95 -6.48
N LEU B 265 8.89 -37.26 -7.16
CA LEU B 265 8.83 -37.86 -8.50
C LEU B 265 8.08 -39.20 -8.52
N GLN B 266 8.32 -40.03 -7.50
CA GLN B 266 7.62 -41.31 -7.35
C GLN B 266 6.12 -41.09 -7.12
N THR B 267 5.79 -40.04 -6.35
CA THR B 267 4.40 -39.64 -6.12
C THR B 267 3.76 -39.13 -7.42
N LEU B 268 4.51 -38.40 -8.22
CA LEU B 268 4.02 -37.88 -9.49
C LEU B 268 3.71 -38.96 -10.52
N LEU B 269 4.41 -40.09 -10.42
CA LEU B 269 4.22 -41.21 -11.34
C LEU B 269 2.94 -41.97 -11.00
N GLN B 270 2.64 -42.06 -9.70
CA GLN B 270 1.38 -42.61 -9.21
C GLN B 270 0.18 -41.81 -9.72
N HIS B 271 0.36 -40.50 -9.79
CA HIS B 271 -0.66 -39.56 -10.24
C HIS B 271 -1.03 -39.76 -11.71
N LEU B 272 -0.07 -40.25 -12.50
CA LEU B 272 -0.33 -40.63 -13.88
C LEU B 272 -1.30 -41.81 -13.97
N LYS B 273 -1.60 -42.40 -12.82
CA LYS B 273 -2.58 -43.48 -12.69
C LYS B 273 -3.84 -43.01 -11.94
N SER B 274 -3.99 -41.69 -11.82
CA SER B 274 -5.11 -41.08 -11.09
C SER B 274 -6.46 -41.18 -11.80
N HIS B 275 -7.50 -41.34 -10.99
CA HIS B 275 -8.88 -41.39 -11.48
C HIS B 275 -9.35 -40.01 -11.95
N SER B 276 -8.74 -38.97 -11.37
CA SER B 276 -9.06 -37.58 -11.71
C SER B 276 -8.19 -37.07 -12.87
N LEU B 277 -8.84 -36.51 -13.88
CA LEU B 277 -8.16 -35.89 -15.03
C LEU B 277 -7.23 -34.77 -14.60
N THR B 278 -7.71 -33.91 -13.69
CA THR B 278 -6.94 -32.78 -13.16
C THR B 278 -5.56 -33.23 -12.65
N ILE B 279 -5.55 -34.26 -11.81
CA ILE B 279 -4.32 -34.80 -11.24
C ILE B 279 -3.36 -35.28 -12.34
N VAL B 280 -3.89 -36.03 -13.30
CA VAL B 280 -3.11 -36.49 -14.46
C VAL B 280 -2.63 -35.30 -15.31
N SER B 281 -3.53 -34.32 -15.50
CA SER B 281 -3.22 -33.10 -16.25
C SER B 281 -2.18 -32.22 -15.55
N ASN B 282 -2.15 -32.26 -14.22
CA ASN B 282 -1.19 -31.49 -13.44
C ASN B 282 0.14 -32.21 -13.27
N ALA B 283 0.08 -33.54 -13.17
CA ALA B 283 1.27 -34.35 -12.99
C ALA B 283 2.22 -34.22 -14.17
N CYS B 284 1.67 -34.33 -15.38
CA CYS B 284 2.42 -34.23 -16.64
C CYS B 284 3.11 -32.87 -16.81
N GLY B 285 2.55 -31.84 -16.18
CA GLY B 285 3.09 -30.50 -16.27
C GLY B 285 4.27 -30.32 -15.33
N THR B 286 4.18 -30.92 -14.14
CA THR B 286 5.29 -30.93 -13.19
C THR B 286 6.38 -31.88 -13.69
N LEU B 287 5.97 -33.01 -14.26
CA LEU B 287 6.91 -33.99 -14.80
C LEU B 287 7.56 -33.50 -16.10
N TRP B 288 7.02 -32.41 -16.63
CA TRP B 288 7.56 -31.75 -17.82
C TRP B 288 8.81 -30.97 -17.43
N ASN B 289 8.61 -29.96 -16.58
CA ASN B 289 9.66 -29.07 -16.13
C ASN B 289 10.81 -29.79 -15.41
N LEU B 290 10.46 -30.71 -14.51
CA LEU B 290 11.45 -31.44 -13.71
C LEU B 290 12.32 -32.40 -14.52
N SER B 291 11.77 -32.92 -15.63
CA SER B 291 12.52 -33.79 -16.54
C SER B 291 13.46 -33.02 -17.48
N ALA B 292 13.51 -31.70 -17.32
CA ALA B 292 14.42 -30.86 -18.09
C ALA B 292 15.53 -30.26 -17.22
N ARG B 293 16.76 -30.37 -17.70
CA ARG B 293 17.92 -29.75 -17.06
C ARG B 293 18.28 -30.32 -15.67
N ASN B 294 18.26 -31.66 -15.56
CA ASN B 294 18.68 -32.36 -14.34
C ASN B 294 18.95 -33.86 -14.55
N PRO B 295 20.24 -34.26 -14.53
CA PRO B 295 20.61 -35.67 -14.72
C PRO B 295 20.07 -36.62 -13.64
N LYS B 296 20.07 -36.17 -12.38
CA LYS B 296 19.59 -36.99 -11.27
C LYS B 296 18.13 -37.42 -11.41
N ASP B 297 17.25 -36.44 -11.64
CA ASP B 297 15.82 -36.72 -11.76
C ASP B 297 15.48 -37.47 -13.05
N GLN B 298 16.21 -37.15 -14.12
CA GLN B 298 16.08 -37.88 -15.39
C GLN B 298 16.42 -39.36 -15.22
N GLU B 299 17.41 -39.64 -14.36
CA GLU B 299 17.76 -41.01 -14.00
C GLU B 299 16.68 -41.62 -13.10
N ALA B 300 16.27 -40.86 -12.09
CA ALA B 300 15.27 -41.30 -11.11
C ALA B 300 13.95 -41.70 -11.77
N LEU B 301 13.50 -40.88 -12.72
CA LEU B 301 12.30 -41.18 -13.51
C LEU B 301 12.52 -42.41 -14.40
N TRP B 302 13.66 -42.44 -15.08
CA TRP B 302 14.02 -43.58 -15.94
C TRP B 302 14.06 -44.90 -15.16
N ASP B 303 14.62 -44.84 -13.96
CA ASP B 303 14.69 -46.01 -13.11
C ASP B 303 13.31 -46.42 -12.69
N MET B 304 12.51 -45.44 -12.35
CA MET B 304 11.15 -45.64 -11.91
C MET B 304 10.32 -46.27 -13.00
N GLY B 305 10.61 -45.89 -14.22
CA GLY B 305 9.93 -46.41 -15.40
C GLY B 305 8.98 -45.38 -15.97
N ALA B 306 9.43 -44.12 -16.00
CA ALA B 306 8.61 -43.00 -16.42
C ALA B 306 8.30 -43.02 -17.92
N VAL B 307 9.08 -43.79 -18.67
CA VAL B 307 8.84 -43.95 -20.11
C VAL B 307 7.51 -44.67 -20.33
N SER B 308 7.37 -45.83 -19.68
CA SER B 308 6.20 -46.70 -19.86
C SER B 308 4.92 -46.04 -19.37
N MET B 309 5.03 -45.27 -18.29
CA MET B 309 3.89 -44.63 -17.65
C MET B 309 3.41 -43.41 -18.45
N LEU B 310 4.35 -42.68 -19.02
CA LEU B 310 4.02 -41.49 -19.82
C LEU B 310 3.54 -41.85 -21.22
N LYS B 311 4.18 -42.84 -21.85
CA LYS B 311 3.81 -43.28 -23.19
C LYS B 311 2.42 -43.95 -23.22
N ASN B 312 1.94 -44.36 -22.04
CA ASN B 312 0.56 -44.85 -21.90
C ASN B 312 -0.47 -43.73 -21.75
N LEU B 313 -0.11 -42.53 -22.21
CA LEU B 313 -0.97 -41.35 -22.11
C LEU B 313 -0.82 -40.38 -23.28
N ILE B 314 -0.07 -40.77 -24.30
CA ILE B 314 0.23 -39.86 -25.42
C ILE B 314 -0.92 -39.69 -26.42
N HIS B 315 -1.63 -40.78 -26.71
CA HIS B 315 -2.83 -40.72 -27.55
C HIS B 315 -4.08 -40.53 -26.68
N SER B 316 -4.00 -39.58 -25.75
CA SER B 316 -5.07 -39.36 -24.77
C SER B 316 -6.30 -38.67 -25.33
N LYS B 317 -7.42 -38.83 -24.63
CA LYS B 317 -8.66 -38.11 -24.92
C LYS B 317 -8.45 -36.62 -24.71
N HIS B 318 -7.98 -36.27 -23.52
CA HIS B 318 -7.75 -34.89 -23.11
C HIS B 318 -6.48 -34.36 -23.79
N LYS B 319 -6.51 -33.07 -24.14
CA LYS B 319 -5.38 -32.39 -24.77
C LYS B 319 -4.20 -32.23 -23.81
N MET B 320 -4.42 -31.55 -22.68
CA MET B 320 -3.39 -31.28 -21.68
C MET B 320 -2.56 -32.52 -21.31
N ILE B 321 -3.25 -33.65 -21.12
CA ILE B 321 -2.62 -34.92 -20.80
C ILE B 321 -1.78 -35.43 -21.98
N ALA B 322 -2.40 -35.54 -23.15
CA ALA B 322 -1.68 -35.89 -24.39
C ALA B 322 -0.51 -34.94 -24.65
N MET B 323 -0.73 -33.67 -24.34
CA MET B 323 0.28 -32.61 -24.37
C MET B 323 1.49 -32.93 -23.51
N GLY B 324 1.27 -33.14 -22.22
CA GLY B 324 2.36 -33.24 -21.25
C GLY B 324 2.95 -34.63 -21.05
N SER B 325 2.33 -35.64 -21.65
CA SER B 325 2.83 -37.01 -21.53
C SER B 325 3.89 -37.34 -22.58
N ALA B 326 3.87 -36.62 -23.70
CA ALA B 326 4.87 -36.79 -24.75
C ALA B 326 5.96 -35.73 -24.67
N ALA B 327 5.61 -34.57 -24.11
CA ALA B 327 6.54 -33.48 -23.90
C ALA B 327 7.55 -33.82 -22.79
N ALA B 328 7.04 -34.39 -21.70
CA ALA B 328 7.89 -34.87 -20.61
C ALA B 328 8.67 -36.08 -21.07
N LEU B 329 8.12 -36.81 -22.05
CA LEU B 329 8.79 -37.96 -22.65
C LEU B 329 9.92 -37.52 -23.57
N ARG B 330 9.73 -36.39 -24.28
CA ARG B 330 10.78 -35.78 -25.11
C ARG B 330 12.04 -35.54 -24.30
N ASN B 331 11.88 -34.91 -23.14
CA ASN B 331 12.98 -34.63 -22.21
C ASN B 331 13.76 -35.89 -21.81
N LEU B 332 13.02 -36.90 -21.36
CA LEU B 332 13.62 -38.17 -20.91
C LEU B 332 14.25 -38.96 -22.05
N MET B 333 13.56 -39.05 -23.18
CA MET B 333 14.06 -39.82 -24.34
C MET B 333 15.26 -39.17 -25.05
N ALA B 334 15.44 -37.87 -24.83
CA ALA B 334 16.61 -37.16 -25.37
C ALA B 334 17.80 -37.29 -24.43
N ASN B 335 17.56 -37.03 -23.15
CA ASN B 335 18.58 -37.20 -22.11
C ASN B 335 18.50 -38.60 -21.53
N ARG B 336 18.77 -39.60 -22.37
CA ARG B 336 18.64 -41.01 -22.03
C ARG B 336 19.60 -41.39 -20.91
N PRO B 337 20.89 -41.42 -21.23
CA PRO B 337 21.97 -41.77 -20.29
C PRO B 337 21.75 -43.08 -19.55
P PO4 C . -10.46 1.98 -0.92
O1 PO4 C . -9.65 2.13 -2.19
O2 PO4 C . -10.43 3.28 -0.15
O3 PO4 C . -11.87 1.60 -1.25
O4 PO4 C . -9.85 0.90 -0.07
P PO4 D . 23.70 17.12 16.48
O1 PO4 D . 23.94 16.83 15.02
O2 PO4 D . 22.58 18.11 16.64
O3 PO4 D . 23.32 15.84 17.20
O4 PO4 D . 24.94 17.71 17.11
#